data_7M3U
#
_entry.id   7M3U
#
_entity_poly.entity_id   1
_entity_poly.type   'polypeptide(L)'
_entity_poly.pdbx_seq_one_letter_code
;GFCWQHTCLPSGCADFPWPVGHQCFPD
;
_entity_poly.pdbx_strand_id   A
#
# COMPACT_ATOMS: atom_id res chain seq x y z
N GLY A 1 3.98 5.23 3.15
CA GLY A 1 3.44 4.17 3.96
C GLY A 1 2.09 3.71 3.51
N PHE A 2 1.66 2.64 4.08
CA PHE A 2 0.42 1.99 3.73
C PHE A 2 -0.31 1.57 5.00
N CYS A 3 -1.58 1.79 5.03
CA CYS A 3 -2.36 1.46 6.21
C CYS A 3 -3.14 0.17 6.03
N TRP A 4 -3.13 -0.62 7.09
CA TRP A 4 -3.80 -1.89 7.14
C TRP A 4 -4.47 -2.03 8.50
N GLN A 5 -5.79 -2.03 8.51
CA GLN A 5 -6.61 -2.15 9.75
C GLN A 5 -6.38 -0.95 10.66
N HIS A 6 -6.13 0.20 10.03
CA HIS A 6 -5.88 1.49 10.69
C HIS A 6 -4.50 1.53 11.34
N THR A 7 -3.74 0.49 11.11
CA THR A 7 -2.38 0.41 11.52
C THR A 7 -1.53 0.72 10.28
N CYS A 8 -0.77 1.78 10.33
CA CYS A 8 -0.03 2.18 9.17
C CYS A 8 1.41 1.68 9.22
N LEU A 9 1.74 0.89 8.23
CA LEU A 9 3.03 0.27 8.12
C LEU A 9 3.94 1.15 7.22
N PRO A 10 5.28 0.93 7.21
CA PRO A 10 6.23 1.78 6.46
C PRO A 10 6.00 1.80 4.94
N SER A 11 6.64 2.75 4.29
CA SER A 11 6.57 2.94 2.86
C SER A 11 7.01 1.67 2.11
N GLY A 12 6.25 1.29 1.12
CA GLY A 12 6.54 0.08 0.41
C GLY A 12 5.55 -0.11 -0.70
N CYS A 13 5.59 -1.25 -1.33
CA CYS A 13 4.73 -1.52 -2.45
C CYS A 13 3.72 -2.60 -2.11
N ALA A 14 2.57 -2.53 -2.73
CA ALA A 14 1.50 -3.47 -2.52
C ALA A 14 0.88 -3.81 -3.86
N ASP A 15 0.56 -5.06 -4.04
CA ASP A 15 0.02 -5.51 -5.30
C ASP A 15 -1.49 -5.53 -5.26
N PHE A 16 -2.08 -4.59 -5.95
CA PHE A 16 -3.51 -4.51 -6.05
C PHE A 16 -3.94 -5.09 -7.38
N PRO A 17 -5.21 -5.47 -7.53
CA PRO A 17 -5.72 -5.99 -8.79
C PRO A 17 -5.91 -4.87 -9.82
N TRP A 18 -6.18 -5.25 -11.05
CA TRP A 18 -6.42 -4.30 -12.13
C TRP A 18 -7.68 -3.48 -11.80
N PRO A 19 -7.73 -2.17 -12.18
CA PRO A 19 -6.63 -1.44 -12.84
C PRO A 19 -5.71 -0.70 -11.87
N VAL A 20 -5.87 -0.96 -10.58
CA VAL A 20 -5.08 -0.26 -9.57
C VAL A 20 -3.61 -0.65 -9.71
N GLY A 21 -3.38 -1.94 -9.88
CA GLY A 21 -2.07 -2.44 -10.15
C GLY A 21 -1.15 -2.45 -8.96
N HIS A 22 0.12 -2.55 -9.21
CA HIS A 22 1.09 -2.63 -8.15
C HIS A 22 1.48 -1.22 -7.74
N GLN A 23 0.97 -0.82 -6.62
CA GLN A 23 1.14 0.49 -6.09
C GLN A 23 2.32 0.55 -5.14
N CYS A 24 2.95 1.68 -5.07
CA CYS A 24 4.04 1.92 -4.17
C CYS A 24 3.77 3.17 -3.43
N PHE A 25 3.77 3.06 -2.14
CA PHE A 25 3.39 4.12 -1.27
C PHE A 25 4.59 4.67 -0.54
N PRO A 26 5.13 5.80 -1.01
CA PRO A 26 6.31 6.46 -0.43
C PRO A 26 6.06 6.98 0.99
N ASP A 27 4.81 7.04 1.38
CA ASP A 27 4.47 7.54 2.70
C ASP A 27 3.94 6.45 3.60
N GLY A 1 4.01 5.23 3.23
CA GLY A 1 3.48 4.21 4.05
C GLY A 1 2.09 3.88 3.63
N PHE A 2 1.61 2.83 4.15
CA PHE A 2 0.32 2.33 3.81
C PHE A 2 -0.51 2.17 5.05
N CYS A 3 -1.61 2.81 5.07
CA CYS A 3 -2.49 2.74 6.20
C CYS A 3 -3.60 1.79 5.91
N TRP A 4 -3.86 0.96 6.85
CA TRP A 4 -4.86 -0.03 6.76
C TRP A 4 -5.41 -0.24 8.14
N GLN A 5 -6.72 -0.03 8.27
CA GLN A 5 -7.43 -0.15 9.55
C GLN A 5 -6.94 0.91 10.52
N HIS A 6 -6.53 2.05 9.94
CA HIS A 6 -5.99 3.23 10.63
C HIS A 6 -4.59 3.03 11.14
N THR A 7 -4.06 1.86 10.90
CA THR A 7 -2.73 1.55 11.28
C THR A 7 -1.84 1.79 10.06
N CYS A 8 -0.92 2.70 10.18
CA CYS A 8 -0.06 3.01 9.09
C CYS A 8 1.23 2.26 9.21
N LEU A 9 1.49 1.44 8.24
CA LEU A 9 2.66 0.63 8.20
C LEU A 9 3.68 1.31 7.25
N PRO A 10 4.98 0.89 7.26
CA PRO A 10 6.05 1.54 6.47
C PRO A 10 5.81 1.61 4.96
N SER A 11 6.60 2.44 4.33
CA SER A 11 6.54 2.69 2.93
C SER A 11 7.03 1.48 2.11
N GLY A 12 6.57 1.40 0.89
CA GLY A 12 6.93 0.32 0.03
C GLY A 12 5.86 0.09 -0.99
N CYS A 13 5.97 -0.95 -1.75
CA CYS A 13 4.99 -1.24 -2.75
C CYS A 13 4.22 -2.50 -2.40
N ALA A 14 3.01 -2.57 -2.88
CA ALA A 14 2.16 -3.69 -2.68
C ALA A 14 1.50 -4.02 -3.98
N ASP A 15 1.59 -5.23 -4.37
CA ASP A 15 1.06 -5.65 -5.66
C ASP A 15 -0.39 -6.06 -5.52
N PHE A 16 -1.26 -5.22 -6.00
CA PHE A 16 -2.68 -5.49 -5.96
C PHE A 16 -3.13 -5.95 -7.34
N PRO A 17 -4.27 -6.60 -7.45
CA PRO A 17 -4.80 -7.03 -8.73
C PRO A 17 -5.44 -5.87 -9.49
N TRP A 18 -5.80 -6.12 -10.73
CA TRP A 18 -6.48 -5.17 -11.59
C TRP A 18 -7.81 -4.71 -10.93
N PRO A 19 -8.22 -3.45 -11.10
CA PRO A 19 -7.45 -2.41 -11.81
C PRO A 19 -6.53 -1.61 -10.89
N VAL A 20 -6.39 -2.07 -9.66
CA VAL A 20 -5.61 -1.37 -8.66
C VAL A 20 -4.12 -1.40 -9.04
N GLY A 21 -3.65 -2.57 -9.43
CA GLY A 21 -2.30 -2.71 -9.93
C GLY A 21 -1.24 -2.66 -8.84
N HIS A 22 -0.03 -2.43 -9.24
CA HIS A 22 1.08 -2.39 -8.32
C HIS A 22 1.17 -1.00 -7.73
N GLN A 23 0.73 -0.90 -6.50
CA GLN A 23 0.70 0.35 -5.80
C GLN A 23 1.95 0.54 -5.01
N CYS A 24 2.40 1.74 -4.96
CA CYS A 24 3.57 2.08 -4.23
C CYS A 24 3.27 3.21 -3.31
N PHE A 25 3.54 2.99 -2.07
CA PHE A 25 3.22 3.91 -1.04
C PHE A 25 4.50 4.40 -0.39
N PRO A 26 5.08 5.48 -0.90
CA PRO A 26 6.35 6.02 -0.41
C PRO A 26 6.22 6.71 0.96
N ASP A 27 5.01 6.84 1.44
CA ASP A 27 4.77 7.44 2.75
C ASP A 27 4.35 6.37 3.75
N GLY A 1 4.01 5.17 3.18
CA GLY A 1 3.51 4.09 3.97
C GLY A 1 2.12 3.74 3.56
N PHE A 2 1.62 2.69 4.10
CA PHE A 2 0.34 2.16 3.73
C PHE A 2 -0.44 1.82 4.96
N CYS A 3 -1.66 2.27 5.01
CA CYS A 3 -2.50 1.99 6.13
C CYS A 3 -3.47 0.89 5.84
N TRP A 4 -3.57 -0.01 6.77
CA TRP A 4 -4.41 -1.14 6.65
C TRP A 4 -4.98 -1.46 8.01
N GLN A 5 -6.31 -1.49 8.10
CA GLN A 5 -7.03 -1.79 9.36
C GLN A 5 -6.66 -0.78 10.43
N HIS A 6 -6.51 0.48 9.99
CA HIS A 6 -6.16 1.65 10.85
C HIS A 6 -4.71 1.59 11.34
N THR A 7 -4.00 0.58 10.90
CA THR A 7 -2.63 0.41 11.22
C THR A 7 -1.79 0.88 10.03
N CYS A 8 -0.95 1.84 10.23
CA CYS A 8 -0.14 2.33 9.15
C CYS A 8 1.23 1.71 9.20
N LEU A 9 1.56 1.00 8.14
CA LEU A 9 2.80 0.29 8.03
C LEU A 9 3.78 1.11 7.13
N PRO A 10 5.10 0.82 7.16
CA PRO A 10 6.13 1.61 6.44
C PRO A 10 5.97 1.67 4.92
N SER A 11 6.65 2.62 4.32
CA SER A 11 6.61 2.85 2.90
C SER A 11 7.17 1.65 2.13
N GLY A 12 6.51 1.32 1.06
CA GLY A 12 6.88 0.21 0.25
C GLY A 12 5.88 0.06 -0.84
N CYS A 13 5.76 -1.11 -1.38
CA CYS A 13 4.81 -1.34 -2.43
C CYS A 13 3.82 -2.44 -2.00
N ALA A 14 2.68 -2.50 -2.67
CA ALA A 14 1.68 -3.50 -2.38
C ALA A 14 0.99 -3.91 -3.65
N ASP A 15 0.71 -5.17 -3.78
CA ASP A 15 0.08 -5.69 -4.98
C ASP A 15 -1.43 -5.69 -4.86
N PHE A 16 -2.06 -4.85 -5.61
CA PHE A 16 -3.49 -4.77 -5.67
C PHE A 16 -3.94 -5.32 -7.00
N PRO A 17 -5.20 -5.72 -7.13
CA PRO A 17 -5.72 -6.22 -8.40
C PRO A 17 -5.95 -5.08 -9.40
N TRP A 18 -6.18 -5.44 -10.64
CA TRP A 18 -6.47 -4.49 -11.70
C TRP A 18 -7.78 -3.73 -11.39
N PRO A 19 -7.91 -2.45 -11.79
CA PRO A 19 -6.86 -1.67 -12.49
C PRO A 19 -5.92 -0.93 -11.54
N VAL A 20 -5.99 -1.26 -10.27
CA VAL A 20 -5.18 -0.59 -9.27
C VAL A 20 -3.72 -1.02 -9.46
N GLY A 21 -3.51 -2.32 -9.53
CA GLY A 21 -2.20 -2.85 -9.81
C GLY A 21 -1.27 -2.77 -8.63
N HIS A 22 0.00 -2.91 -8.89
CA HIS A 22 0.98 -2.88 -7.85
C HIS A 22 1.33 -1.43 -7.55
N GLN A 23 0.79 -0.96 -6.47
CA GLN A 23 0.95 0.41 -6.05
C GLN A 23 2.11 0.56 -5.11
N CYS A 24 2.73 1.70 -5.16
CA CYS A 24 3.85 1.98 -4.29
C CYS A 24 3.56 3.19 -3.47
N PHE A 25 3.76 3.07 -2.19
CA PHE A 25 3.40 4.10 -1.28
C PHE A 25 4.62 4.63 -0.55
N PRO A 26 5.19 5.74 -1.01
CA PRO A 26 6.36 6.39 -0.39
C PRO A 26 6.05 7.05 0.97
N ASP A 27 4.82 6.91 1.43
CA ASP A 27 4.43 7.47 2.71
C ASP A 27 4.09 6.37 3.69
N GLY A 1 4.16 5.19 3.17
CA GLY A 1 3.50 4.18 3.95
C GLY A 1 2.05 4.05 3.64
N PHE A 2 1.44 3.10 4.27
CA PHE A 2 0.06 2.76 4.06
C PHE A 2 -0.56 2.32 5.37
N CYS A 3 -1.70 2.86 5.66
CA CYS A 3 -2.38 2.53 6.87
C CYS A 3 -3.50 1.55 6.60
N TRP A 4 -3.61 0.59 7.47
CA TRP A 4 -4.64 -0.39 7.38
C TRP A 4 -5.08 -0.75 8.78
N GLN A 5 -6.38 -0.67 9.02
CA GLN A 5 -7.00 -0.96 10.32
C GLN A 5 -6.49 0.02 11.39
N HIS A 6 -6.15 1.23 10.93
CA HIS A 6 -5.63 2.34 11.77
C HIS A 6 -4.18 2.10 12.19
N THR A 7 -3.61 1.03 11.68
CA THR A 7 -2.24 0.72 11.89
C THR A 7 -1.49 1.14 10.64
N CYS A 8 -0.46 1.91 10.78
CA CYS A 8 0.25 2.35 9.62
C CYS A 8 1.49 1.53 9.39
N LEU A 9 1.54 0.89 8.25
CA LEU A 9 2.64 0.08 7.88
C LEU A 9 3.58 0.96 7.01
N PRO A 10 4.86 0.60 6.89
CA PRO A 10 5.87 1.46 6.27
C PRO A 10 5.72 1.68 4.78
N SER A 11 6.57 2.51 4.26
CA SER A 11 6.63 2.82 2.87
C SER A 11 7.02 1.57 2.09
N GLY A 12 6.56 1.47 0.88
CA GLY A 12 6.86 0.32 0.09
C GLY A 12 5.78 0.07 -0.90
N CYS A 13 5.93 -0.94 -1.68
CA CYS A 13 5.01 -1.27 -2.71
C CYS A 13 4.29 -2.58 -2.38
N ALA A 14 3.05 -2.66 -2.78
CA ALA A 14 2.22 -3.82 -2.52
C ALA A 14 1.42 -4.16 -3.75
N ASP A 15 1.30 -5.44 -4.03
CA ASP A 15 0.57 -5.90 -5.20
C ASP A 15 -0.91 -6.04 -4.87
N PHE A 16 -1.71 -5.18 -5.42
CA PHE A 16 -3.16 -5.22 -5.24
C PHE A 16 -3.81 -5.72 -6.53
N PRO A 17 -5.08 -6.16 -6.49
CA PRO A 17 -5.76 -6.65 -7.69
C PRO A 17 -6.15 -5.50 -8.64
N TRP A 18 -6.60 -5.84 -9.83
CA TRP A 18 -7.03 -4.89 -10.83
C TRP A 18 -8.29 -4.15 -10.33
N PRO A 19 -8.49 -2.85 -10.66
CA PRO A 19 -7.53 -2.01 -11.43
C PRO A 19 -6.57 -1.22 -10.54
N VAL A 20 -6.37 -1.67 -9.34
CA VAL A 20 -5.51 -0.99 -8.41
C VAL A 20 -4.06 -1.32 -8.77
N GLY A 21 -3.80 -2.60 -8.92
CA GLY A 21 -2.50 -3.06 -9.34
C GLY A 21 -1.44 -2.94 -8.28
N HIS A 22 -0.22 -2.91 -8.70
CA HIS A 22 0.88 -2.83 -7.79
C HIS A 22 1.12 -1.37 -7.42
N GLN A 23 0.71 -1.05 -6.23
CA GLN A 23 0.78 0.28 -5.69
C GLN A 23 2.04 0.49 -4.92
N CYS A 24 2.50 1.70 -4.90
CA CYS A 24 3.65 2.08 -4.13
C CYS A 24 3.27 3.20 -3.24
N PHE A 25 3.65 3.09 -2.01
CA PHE A 25 3.32 4.07 -1.05
C PHE A 25 4.59 4.61 -0.43
N PRO A 26 5.16 5.66 -1.04
CA PRO A 26 6.38 6.32 -0.55
C PRO A 26 6.30 6.77 0.91
N ASP A 27 5.09 6.99 1.39
CA ASP A 27 4.89 7.45 2.74
C ASP A 27 4.18 6.43 3.60
N GLY A 1 4.22 5.10 3.26
CA GLY A 1 3.49 4.10 3.93
C GLY A 1 2.02 4.30 3.77
N PHE A 2 1.29 3.32 4.13
CA PHE A 2 -0.12 3.33 3.96
C PHE A 2 -0.78 3.20 5.30
N CYS A 3 -1.73 4.00 5.54
CA CYS A 3 -2.40 3.99 6.79
C CYS A 3 -3.73 3.29 6.72
N TRP A 4 -3.95 2.45 7.67
CA TRP A 4 -5.15 1.70 7.81
C TRP A 4 -5.72 2.02 9.18
N GLN A 5 -6.81 2.78 9.20
CA GLN A 5 -7.49 3.20 10.44
C GLN A 5 -6.53 4.04 11.30
N HIS A 6 -5.67 4.78 10.60
CA HIS A 6 -4.64 5.68 11.15
C HIS A 6 -3.40 4.94 11.63
N THR A 7 -3.39 3.64 11.49
CA THR A 7 -2.23 2.86 11.77
C THR A 7 -1.48 2.72 10.47
N CYS A 8 -0.30 3.25 10.42
CA CYS A 8 0.43 3.29 9.19
C CYS A 8 1.42 2.17 9.07
N LEU A 9 1.36 1.50 7.93
CA LEU A 9 2.27 0.44 7.58
C LEU A 9 3.43 1.10 6.80
N PRO A 10 4.60 0.44 6.68
CA PRO A 10 5.83 1.06 6.12
C PRO A 10 5.77 1.42 4.64
N SER A 11 6.70 2.28 4.26
CA SER A 11 6.88 2.72 2.92
C SER A 11 7.31 1.57 2.01
N GLY A 12 6.68 1.44 0.88
CA GLY A 12 7.04 0.39 -0.03
C GLY A 12 5.97 0.17 -1.04
N CYS A 13 6.19 -0.76 -1.91
CA CYS A 13 5.23 -1.10 -2.92
C CYS A 13 4.72 -2.50 -2.66
N ALA A 14 3.45 -2.70 -2.89
CA ALA A 14 2.82 -3.96 -2.65
C ALA A 14 2.03 -4.36 -3.86
N ASP A 15 2.02 -5.62 -4.15
CA ASP A 15 1.34 -6.11 -5.33
C ASP A 15 -0.02 -6.60 -4.95
N PHE A 16 -1.02 -5.87 -5.35
CA PHE A 16 -2.40 -6.19 -5.06
C PHE A 16 -3.05 -6.81 -6.29
N PRO A 17 -4.20 -7.48 -6.12
CA PRO A 17 -4.94 -8.08 -7.23
C PRO A 17 -5.65 -7.03 -8.10
N TRP A 18 -6.21 -7.48 -9.20
CA TRP A 18 -6.99 -6.64 -10.10
C TRP A 18 -8.18 -6.02 -9.35
N PRO A 19 -8.57 -4.76 -9.66
CA PRO A 19 -7.87 -3.89 -10.62
C PRO A 19 -6.87 -2.96 -9.93
N VAL A 20 -6.57 -3.25 -8.69
CA VAL A 20 -5.72 -2.43 -7.87
C VAL A 20 -4.30 -2.41 -8.44
N GLY A 21 -3.76 -3.58 -8.68
CA GLY A 21 -2.45 -3.68 -9.28
C GLY A 21 -1.35 -3.45 -8.28
N HIS A 22 -0.26 -2.89 -8.72
CA HIS A 22 0.87 -2.71 -7.86
C HIS A 22 0.87 -1.30 -7.32
N GLN A 23 0.55 -1.19 -6.07
CA GLN A 23 0.46 0.08 -5.41
C GLN A 23 1.75 0.40 -4.72
N CYS A 24 2.06 1.65 -4.68
CA CYS A 24 3.25 2.14 -4.03
C CYS A 24 2.92 3.18 -3.01
N PHE A 25 3.37 2.97 -1.81
CA PHE A 25 3.11 3.88 -0.75
C PHE A 25 4.44 4.45 -0.29
N PRO A 26 4.84 5.60 -0.85
CA PRO A 26 6.14 6.22 -0.55
C PRO A 26 6.30 6.60 0.92
N ASP A 27 5.21 6.83 1.61
CA ASP A 27 5.28 7.24 3.02
C ASP A 27 4.60 6.19 3.89
N GLY A 1 3.93 5.19 3.17
CA GLY A 1 3.39 4.15 3.98
C GLY A 1 1.91 4.04 3.82
N PHE A 2 1.33 3.19 4.57
CA PHE A 2 -0.08 2.91 4.45
C PHE A 2 -0.65 2.60 5.83
N CYS A 3 -1.80 3.14 6.11
CA CYS A 3 -2.41 2.93 7.39
C CYS A 3 -3.50 1.90 7.33
N TRP A 4 -3.49 1.04 8.31
CA TRP A 4 -4.45 0.02 8.43
C TRP A 4 -4.89 -0.02 9.88
N GLN A 5 -6.17 0.22 10.12
CA GLN A 5 -6.75 0.20 11.48
C GLN A 5 -6.04 1.23 12.37
N HIS A 6 -5.74 2.39 11.75
CA HIS A 6 -5.04 3.53 12.36
C HIS A 6 -3.55 3.21 12.63
N THR A 7 -3.13 2.03 12.29
CA THR A 7 -1.77 1.64 12.46
C THR A 7 -1.08 1.82 11.12
N CYS A 8 -0.12 2.67 11.07
CA CYS A 8 0.51 2.97 9.82
C CYS A 8 1.76 2.15 9.62
N LEU A 9 1.74 1.37 8.56
CA LEU A 9 2.83 0.53 8.21
C LEU A 9 3.76 1.33 7.28
N PRO A 10 5.03 0.95 7.17
CA PRO A 10 6.05 1.72 6.43
C PRO A 10 5.86 1.72 4.93
N SER A 11 6.64 2.55 4.29
CA SER A 11 6.64 2.71 2.88
C SER A 11 7.03 1.41 2.18
N GLY A 12 6.45 1.18 1.03
CA GLY A 12 6.72 -0.01 0.29
C GLY A 12 5.79 -0.12 -0.86
N CYS A 13 5.99 -1.09 -1.70
CA CYS A 13 5.17 -1.25 -2.87
C CYS A 13 4.41 -2.57 -2.77
N ALA A 14 3.19 -2.61 -3.26
CA ALA A 14 2.35 -3.78 -3.16
C ALA A 14 1.69 -4.09 -4.49
N ASP A 15 1.59 -5.35 -4.80
CA ASP A 15 1.00 -5.79 -6.06
C ASP A 15 -0.48 -6.00 -5.91
N PHE A 16 -1.24 -5.12 -6.47
CA PHE A 16 -2.67 -5.26 -6.50
C PHE A 16 -3.08 -5.69 -7.90
N PRO A 17 -4.26 -6.26 -8.07
CA PRO A 17 -4.70 -6.71 -9.38
C PRO A 17 -5.11 -5.54 -10.29
N TRP A 18 -5.29 -5.84 -11.56
CA TRP A 18 -5.74 -4.88 -12.56
C TRP A 18 -7.15 -4.38 -12.17
N PRO A 19 -7.48 -3.10 -12.44
CA PRO A 19 -6.58 -2.09 -13.04
C PRO A 19 -5.84 -1.24 -12.00
N VAL A 20 -5.76 -1.72 -10.80
CA VAL A 20 -5.08 -1.01 -9.74
C VAL A 20 -3.58 -1.17 -9.97
N GLY A 21 -3.17 -2.39 -10.15
CA GLY A 21 -1.80 -2.66 -10.46
C GLY A 21 -0.91 -2.59 -9.26
N HIS A 22 0.36 -2.46 -9.49
CA HIS A 22 1.32 -2.42 -8.43
C HIS A 22 1.39 -1.00 -7.90
N GLN A 23 0.82 -0.82 -6.77
CA GLN A 23 0.79 0.45 -6.12
C GLN A 23 1.92 0.54 -5.17
N CYS A 24 2.43 1.70 -5.00
CA CYS A 24 3.50 1.88 -4.09
C CYS A 24 3.22 3.05 -3.24
N PHE A 25 3.45 2.89 -1.97
CA PHE A 25 3.14 3.90 -1.02
C PHE A 25 4.43 4.41 -0.41
N PRO A 26 5.02 5.48 -0.98
CA PRO A 26 6.30 6.05 -0.51
C PRO A 26 6.23 6.62 0.90
N ASP A 27 5.03 6.85 1.40
CA ASP A 27 4.83 7.38 2.74
C ASP A 27 4.42 6.27 3.71
N GLY A 1 4.20 5.30 3.24
CA GLY A 1 3.57 4.27 4.03
C GLY A 1 2.15 4.04 3.61
N PHE A 2 1.57 3.01 4.13
CA PHE A 2 0.25 2.61 3.76
C PHE A 2 -0.50 2.12 4.96
N CYS A 3 -1.63 2.69 5.19
CA CYS A 3 -2.45 2.29 6.30
C CYS A 3 -3.55 1.39 5.82
N TRP A 4 -3.81 0.37 6.58
CA TRP A 4 -4.86 -0.56 6.31
C TRP A 4 -5.37 -1.08 7.63
N GLN A 5 -6.69 -1.08 7.81
CA GLN A 5 -7.34 -1.54 9.06
C GLN A 5 -6.97 -0.62 10.22
N HIS A 6 -6.61 0.63 9.86
CA HIS A 6 -6.13 1.69 10.78
C HIS A 6 -4.73 1.41 11.28
N THR A 7 -4.14 0.36 10.78
CA THR A 7 -2.81 -0.02 11.11
C THR A 7 -1.92 0.43 9.95
N CYS A 8 -0.92 1.20 10.24
CA CYS A 8 -0.08 1.72 9.20
C CYS A 8 1.18 0.91 9.05
N LEU A 9 1.46 0.55 7.83
CA LEU A 9 2.64 -0.17 7.49
C LEU A 9 3.58 0.81 6.76
N PRO A 10 4.90 0.55 6.79
CA PRO A 10 5.92 1.48 6.26
C PRO A 10 5.83 1.70 4.74
N SER A 11 6.60 2.65 4.28
CA SER A 11 6.68 2.99 2.87
C SER A 11 7.18 1.79 2.08
N GLY A 12 6.44 1.41 1.11
CA GLY A 12 6.77 0.28 0.32
C GLY A 12 5.75 0.07 -0.73
N CYS A 13 5.85 -1.01 -1.42
CA CYS A 13 4.92 -1.31 -2.46
C CYS A 13 4.09 -2.52 -2.09
N ALA A 14 2.89 -2.57 -2.59
CA ALA A 14 1.96 -3.64 -2.31
C ALA A 14 1.33 -4.12 -3.59
N ASP A 15 1.05 -5.40 -3.65
CA ASP A 15 0.49 -6.01 -4.83
C ASP A 15 -1.01 -6.20 -4.70
N PHE A 16 -1.73 -5.36 -5.38
CA PHE A 16 -3.17 -5.42 -5.43
C PHE A 16 -3.56 -6.01 -6.77
N PRO A 17 -4.81 -6.44 -6.93
CA PRO A 17 -5.27 -6.95 -8.19
C PRO A 17 -5.64 -5.79 -9.14
N TRP A 18 -5.89 -6.14 -10.38
CA TRP A 18 -6.30 -5.20 -11.39
C TRP A 18 -7.64 -4.58 -10.98
N PRO A 19 -7.90 -3.29 -11.30
CA PRO A 19 -6.96 -2.37 -11.97
C PRO A 19 -6.09 -1.56 -11.00
N VAL A 20 -6.10 -1.93 -9.75
CA VAL A 20 -5.32 -1.24 -8.74
C VAL A 20 -3.85 -1.57 -8.96
N GLY A 21 -3.58 -2.85 -9.10
CA GLY A 21 -2.25 -3.31 -9.46
C GLY A 21 -1.23 -3.15 -8.38
N HIS A 22 0.01 -3.06 -8.78
CA HIS A 22 1.10 -2.93 -7.84
C HIS A 22 1.25 -1.46 -7.46
N GLN A 23 0.81 -1.16 -6.29
CA GLN A 23 0.82 0.17 -5.76
C GLN A 23 2.07 0.42 -4.94
N CYS A 24 2.52 1.62 -4.92
CA CYS A 24 3.66 2.02 -4.13
C CYS A 24 3.31 3.19 -3.30
N PHE A 25 3.64 3.11 -2.04
CA PHE A 25 3.30 4.12 -1.10
C PHE A 25 4.54 4.68 -0.46
N PRO A 26 5.04 5.79 -1.02
CA PRO A 26 6.28 6.42 -0.57
C PRO A 26 6.25 6.96 0.87
N ASP A 27 5.08 7.05 1.46
CA ASP A 27 4.97 7.54 2.83
C ASP A 27 4.36 6.49 3.74
N GLY A 1 4.18 5.18 3.19
CA GLY A 1 3.44 4.14 3.85
C GLY A 1 1.97 4.38 3.69
N PHE A 2 1.20 3.49 4.17
CA PHE A 2 -0.22 3.55 4.00
C PHE A 2 -0.91 3.05 5.22
N CYS A 3 -1.81 3.81 5.69
CA CYS A 3 -2.53 3.46 6.87
C CYS A 3 -3.89 2.91 6.52
N TRP A 4 -4.22 1.85 7.17
CA TRP A 4 -5.49 1.23 7.03
C TRP A 4 -5.96 0.80 8.41
N GLN A 5 -7.09 1.35 8.83
CA GLN A 5 -7.70 1.07 10.14
C GLN A 5 -6.78 1.57 11.26
N HIS A 6 -6.03 2.63 10.93
CA HIS A 6 -5.02 3.30 11.78
C HIS A 6 -3.74 2.48 11.90
N THR A 7 -3.71 1.35 11.26
CA THR A 7 -2.54 0.55 11.24
C THR A 7 -1.75 0.95 9.99
N CYS A 8 -0.55 1.41 10.18
CA CYS A 8 0.20 1.91 9.06
C CYS A 8 1.22 0.93 8.56
N LEU A 9 1.09 0.57 7.30
CA LEU A 9 2.01 -0.29 6.66
C LEU A 9 3.19 0.60 6.15
N PRO A 10 4.39 0.05 6.01
CA PRO A 10 5.61 0.81 5.70
C PRO A 10 5.69 1.35 4.27
N SER A 11 6.67 2.21 4.06
CA SER A 11 6.93 2.81 2.78
C SER A 11 7.50 1.77 1.83
N GLY A 12 6.91 1.64 0.70
CA GLY A 12 7.34 0.65 -0.26
C GLY A 12 6.20 0.31 -1.16
N CYS A 13 6.25 -0.84 -1.76
CA CYS A 13 5.20 -1.25 -2.64
C CYS A 13 4.59 -2.55 -2.15
N ALA A 14 3.30 -2.62 -2.14
CA ALA A 14 2.57 -3.80 -1.74
C ALA A 14 1.77 -4.27 -2.92
N ASP A 15 1.78 -5.55 -3.17
CA ASP A 15 1.10 -6.07 -4.33
C ASP A 15 -0.34 -6.39 -4.00
N PHE A 16 -1.23 -5.60 -4.52
CA PHE A 16 -2.64 -5.80 -4.39
C PHE A 16 -3.14 -6.46 -5.66
N PRO A 17 -4.28 -7.14 -5.62
CA PRO A 17 -4.83 -7.78 -6.81
C PRO A 17 -5.46 -6.77 -7.77
N TRP A 18 -5.82 -7.23 -8.94
CA TRP A 18 -6.48 -6.43 -9.95
C TRP A 18 -7.81 -5.88 -9.41
N PRO A 19 -8.20 -4.65 -9.78
CA PRO A 19 -7.41 -3.74 -10.62
C PRO A 19 -6.54 -2.76 -9.82
N VAL A 20 -6.27 -3.10 -8.58
CA VAL A 20 -5.51 -2.23 -7.73
C VAL A 20 -4.02 -2.33 -8.11
N GLY A 21 -3.52 -3.55 -8.21
CA GLY A 21 -2.14 -3.76 -8.59
C GLY A 21 -1.17 -3.47 -7.48
N HIS A 22 0.10 -3.53 -7.76
CA HIS A 22 1.07 -3.22 -6.76
C HIS A 22 1.12 -1.72 -6.52
N GLN A 23 0.65 -1.35 -5.38
CA GLN A 23 0.58 0.02 -4.99
C GLN A 23 1.81 0.40 -4.25
N CYS A 24 2.26 1.56 -4.52
CA CYS A 24 3.45 2.06 -3.93
C CYS A 24 3.10 3.20 -3.04
N PHE A 25 3.60 3.13 -1.85
CA PHE A 25 3.30 4.08 -0.86
C PHE A 25 4.58 4.72 -0.40
N PRO A 26 4.88 5.92 -0.93
CA PRO A 26 6.10 6.66 -0.60
C PRO A 26 6.30 6.91 0.89
N ASP A 27 5.23 6.99 1.62
CA ASP A 27 5.30 7.30 3.04
C ASP A 27 4.69 6.17 3.87
N GLY A 1 3.97 5.22 3.12
CA GLY A 1 3.27 4.17 3.81
C GLY A 1 1.79 4.27 3.63
N PHE A 2 1.08 3.32 4.13
CA PHE A 2 -0.35 3.22 3.94
C PHE A 2 -1.00 2.59 5.15
N CYS A 3 -2.05 3.19 5.60
CA CYS A 3 -2.74 2.69 6.75
C CYS A 3 -3.98 1.91 6.37
N TRP A 4 -4.19 0.81 7.05
CA TRP A 4 -5.35 0.00 6.86
C TRP A 4 -5.72 -0.57 8.20
N GLN A 5 -6.96 -0.31 8.63
CA GLN A 5 -7.49 -0.77 9.92
C GLN A 5 -6.69 -0.16 11.07
N HIS A 6 -6.12 1.01 10.80
CA HIS A 6 -5.28 1.79 11.72
C HIS A 6 -3.90 1.16 11.90
N THR A 7 -3.65 0.14 11.11
CA THR A 7 -2.37 -0.48 11.06
C THR A 7 -1.65 0.11 9.84
N CYS A 8 -0.58 0.79 10.06
CA CYS A 8 0.10 1.45 8.99
C CYS A 8 1.27 0.66 8.52
N LEU A 9 1.22 0.28 7.26
CA LEU A 9 2.26 -0.44 6.65
C LEU A 9 3.30 0.57 6.17
N PRO A 10 4.56 0.17 6.09
CA PRO A 10 5.67 1.08 5.81
C PRO A 10 5.75 1.52 4.36
N SER A 11 6.68 2.40 4.10
CA SER A 11 6.93 2.89 2.80
C SER A 11 7.45 1.76 1.89
N GLY A 12 7.08 1.82 0.64
CA GLY A 12 7.45 0.80 -0.30
C GLY A 12 6.23 0.35 -1.04
N CYS A 13 6.27 -0.78 -1.65
CA CYS A 13 5.16 -1.20 -2.47
C CYS A 13 4.44 -2.41 -1.86
N ALA A 14 3.13 -2.43 -2.01
CA ALA A 14 2.27 -3.48 -1.53
C ALA A 14 1.50 -4.03 -2.70
N ASP A 15 1.10 -5.27 -2.62
CA ASP A 15 0.45 -5.90 -3.73
C ASP A 15 -1.02 -6.13 -3.43
N PHE A 16 -1.86 -5.38 -4.10
CA PHE A 16 -3.30 -5.50 -3.95
C PHE A 16 -3.88 -6.18 -5.18
N PRO A 17 -5.12 -6.68 -5.10
CA PRO A 17 -5.79 -7.29 -6.22
C PRO A 17 -6.40 -6.24 -7.15
N TRP A 18 -6.86 -6.68 -8.29
CA TRP A 18 -7.50 -5.85 -9.29
C TRP A 18 -8.75 -5.16 -8.70
N PRO A 19 -9.06 -3.90 -9.10
CA PRO A 19 -8.24 -3.09 -10.03
C PRO A 19 -7.27 -2.16 -9.29
N VAL A 20 -6.98 -2.47 -8.06
CA VAL A 20 -6.10 -1.65 -7.25
C VAL A 20 -4.66 -1.84 -7.74
N GLY A 21 -4.23 -3.08 -7.78
CA GLY A 21 -2.93 -3.37 -8.33
C GLY A 21 -1.81 -3.27 -7.33
N HIS A 22 -0.60 -3.27 -7.82
CA HIS A 22 0.56 -3.18 -6.98
C HIS A 22 0.83 -1.71 -6.73
N GLN A 23 0.46 -1.29 -5.58
CA GLN A 23 0.55 0.08 -5.17
C GLN A 23 1.82 0.38 -4.43
N CYS A 24 2.35 1.53 -4.67
CA CYS A 24 3.57 1.97 -4.05
C CYS A 24 3.29 3.15 -3.19
N PHE A 25 3.72 3.06 -1.97
CA PHE A 25 3.43 4.06 -0.99
C PHE A 25 4.72 4.61 -0.40
N PRO A 26 5.19 5.73 -0.91
CA PRO A 26 6.44 6.37 -0.45
C PRO A 26 6.40 6.80 1.02
N ASP A 27 5.20 6.96 1.54
CA ASP A 27 5.01 7.39 2.92
C ASP A 27 4.44 6.25 3.77
N GLY A 1 4.16 5.16 3.23
CA GLY A 1 3.59 4.13 4.02
C GLY A 1 2.21 3.81 3.59
N PHE A 2 1.76 2.67 3.94
CA PHE A 2 0.49 2.20 3.55
C PHE A 2 -0.40 2.11 4.74
N CYS A 3 -1.52 2.70 4.64
CA CYS A 3 -2.43 2.69 5.74
C CYS A 3 -3.52 1.68 5.54
N TRP A 4 -3.75 0.93 6.57
CA TRP A 4 -4.74 -0.08 6.59
C TRP A 4 -5.40 -0.04 7.94
N GLN A 5 -6.71 0.08 7.94
CA GLN A 5 -7.54 0.09 9.17
C GLN A 5 -7.16 1.28 10.06
N HIS A 6 -6.71 2.36 9.41
CA HIS A 6 -6.27 3.64 10.04
C HIS A 6 -4.86 3.52 10.60
N THR A 7 -4.27 2.36 10.47
CA THR A 7 -2.94 2.11 10.92
C THR A 7 -1.99 2.17 9.72
N CYS A 8 -1.04 3.04 9.77
CA CYS A 8 -0.12 3.18 8.68
C CYS A 8 1.12 2.36 8.93
N LEU A 9 1.45 1.51 8.00
CA LEU A 9 2.61 0.67 8.08
C LEU A 9 3.68 1.31 7.18
N PRO A 10 4.99 0.92 7.31
CA PRO A 10 6.11 1.57 6.57
C PRO A 10 5.94 1.63 5.05
N SER A 11 6.70 2.50 4.43
CA SER A 11 6.66 2.74 3.01
C SER A 11 7.12 1.51 2.20
N GLY A 12 6.56 1.35 1.02
CA GLY A 12 6.91 0.26 0.16
C GLY A 12 5.86 0.09 -0.90
N CYS A 13 5.88 -1.02 -1.58
CA CYS A 13 4.91 -1.27 -2.63
C CYS A 13 4.12 -2.55 -2.33
N ALA A 14 2.93 -2.64 -2.89
CA ALA A 14 2.07 -3.79 -2.73
C ALA A 14 1.37 -4.08 -4.03
N ASP A 15 1.30 -5.33 -4.39
CA ASP A 15 0.71 -5.73 -5.66
C ASP A 15 -0.76 -6.06 -5.49
N PHE A 16 -1.59 -5.14 -5.87
CA PHE A 16 -3.02 -5.31 -5.79
C PHE A 16 -3.53 -5.76 -7.16
N PRO A 17 -4.73 -6.32 -7.23
CA PRO A 17 -5.33 -6.70 -8.48
C PRO A 17 -5.97 -5.50 -9.18
N TRP A 18 -6.40 -5.69 -10.41
CA TRP A 18 -7.08 -4.66 -11.17
C TRP A 18 -8.33 -4.20 -10.41
N PRO A 19 -8.70 -2.91 -10.47
CA PRO A 19 -7.94 -1.85 -11.18
C PRO A 19 -6.96 -1.09 -10.28
N VAL A 20 -6.62 -1.65 -9.16
CA VAL A 20 -5.73 -0.97 -8.24
C VAL A 20 -4.29 -1.09 -8.77
N GLY A 21 -3.87 -2.31 -9.00
CA GLY A 21 -2.57 -2.56 -9.56
C GLY A 21 -1.46 -2.52 -8.53
N HIS A 22 -0.24 -2.48 -9.00
CA HIS A 22 0.91 -2.44 -8.14
C HIS A 22 1.08 -1.04 -7.62
N GLN A 23 0.64 -0.84 -6.42
CA GLN A 23 0.68 0.42 -5.79
C GLN A 23 1.91 0.60 -4.96
N CYS A 24 2.43 1.78 -4.97
CA CYS A 24 3.57 2.11 -4.17
C CYS A 24 3.22 3.23 -3.26
N PHE A 25 3.55 3.05 -2.03
CA PHE A 25 3.22 3.97 -1.02
C PHE A 25 4.51 4.47 -0.39
N PRO A 26 5.04 5.57 -0.91
CA PRO A 26 6.29 6.13 -0.42
C PRO A 26 6.16 6.73 0.98
N ASP A 27 4.93 6.87 1.44
CA ASP A 27 4.65 7.45 2.73
C ASP A 27 4.17 6.39 3.67
N GLY A 1 4.02 5.39 3.15
CA GLY A 1 3.47 4.36 3.99
C GLY A 1 2.08 4.03 3.59
N PHE A 2 1.54 3.00 4.17
CA PHE A 2 0.26 2.52 3.82
C PHE A 2 -0.43 1.96 5.03
N CYS A 3 -1.62 2.39 5.25
CA CYS A 3 -2.38 1.90 6.36
C CYS A 3 -3.37 0.89 5.91
N TRP A 4 -3.47 -0.17 6.65
CA TRP A 4 -4.39 -1.20 6.36
C TRP A 4 -5.15 -1.51 7.61
N GLN A 5 -6.43 -1.20 7.60
CA GLN A 5 -7.34 -1.44 8.73
C GLN A 5 -6.82 -0.75 9.99
N HIS A 6 -6.42 0.51 9.82
CA HIS A 6 -5.93 1.40 10.89
C HIS A 6 -4.52 1.04 11.38
N THR A 7 -3.95 0.01 10.80
CA THR A 7 -2.60 -0.37 11.11
C THR A 7 -1.71 0.16 9.99
N CYS A 8 -0.81 1.03 10.30
CA CYS A 8 0.01 1.61 9.30
C CYS A 8 1.32 0.90 9.16
N LEU A 9 1.60 0.46 7.97
CA LEU A 9 2.80 -0.21 7.66
C LEU A 9 3.70 0.77 6.89
N PRO A 10 5.02 0.57 6.93
CA PRO A 10 5.99 1.50 6.35
C PRO A 10 5.92 1.56 4.83
N SER A 11 6.49 2.63 4.30
CA SER A 11 6.54 2.94 2.91
C SER A 11 7.11 1.74 2.10
N GLY A 12 6.46 1.45 1.00
CA GLY A 12 6.85 0.35 0.17
C GLY A 12 5.81 0.11 -0.88
N CYS A 13 5.80 -1.04 -1.45
CA CYS A 13 4.85 -1.35 -2.50
C CYS A 13 3.99 -2.55 -2.10
N ALA A 14 2.73 -2.49 -2.45
CA ALA A 14 1.79 -3.54 -2.15
C ALA A 14 1.17 -4.02 -3.44
N ASP A 15 1.00 -5.30 -3.58
CA ASP A 15 0.48 -5.89 -4.80
C ASP A 15 -1.04 -5.95 -4.75
N PHE A 16 -1.66 -5.10 -5.53
CA PHE A 16 -3.09 -5.11 -5.67
C PHE A 16 -3.46 -5.83 -6.96
N PRO A 17 -4.70 -6.32 -7.07
CA PRO A 17 -5.15 -7.05 -8.25
C PRO A 17 -5.34 -6.14 -9.46
N TRP A 18 -5.58 -6.75 -10.61
CA TRP A 18 -5.81 -6.03 -11.85
C TRP A 18 -7.10 -5.19 -11.74
N PRO A 19 -7.15 -3.99 -12.35
CA PRO A 19 -6.02 -3.36 -13.08
C PRO A 19 -5.19 -2.41 -12.21
N VAL A 20 -5.33 -2.53 -10.91
CA VAL A 20 -4.66 -1.64 -9.98
C VAL A 20 -3.17 -1.90 -9.98
N GLY A 21 -2.81 -3.16 -9.91
CA GLY A 21 -1.42 -3.56 -9.95
C GLY A 21 -0.70 -3.27 -8.66
N HIS A 22 0.61 -3.26 -8.69
CA HIS A 22 1.35 -3.00 -7.48
C HIS A 22 1.43 -1.49 -7.23
N GLN A 23 0.90 -1.08 -6.15
CA GLN A 23 0.93 0.30 -5.75
C GLN A 23 2.10 0.57 -4.86
N CYS A 24 2.70 1.68 -5.04
CA CYS A 24 3.83 2.06 -4.26
C CYS A 24 3.51 3.27 -3.46
N PHE A 25 3.69 3.14 -2.18
CA PHE A 25 3.36 4.18 -1.28
C PHE A 25 4.60 4.59 -0.52
N PRO A 26 5.28 5.64 -0.98
CA PRO A 26 6.50 6.15 -0.34
C PRO A 26 6.22 6.87 0.98
N ASP A 27 4.95 6.97 1.32
CA ASP A 27 4.52 7.65 2.52
C ASP A 27 4.00 6.65 3.54
N GLY A 1 4.05 5.34 3.14
CA GLY A 1 3.49 4.28 3.93
C GLY A 1 2.06 4.06 3.59
N PHE A 2 1.50 3.03 4.14
CA PHE A 2 0.17 2.64 3.81
C PHE A 2 -0.58 2.15 5.02
N CYS A 3 -1.71 2.72 5.26
CA CYS A 3 -2.54 2.31 6.34
C CYS A 3 -3.67 1.45 5.82
N TRP A 4 -3.94 0.40 6.52
CA TRP A 4 -4.92 -0.57 6.16
C TRP A 4 -5.49 -1.22 7.41
N GLN A 5 -6.80 -1.04 7.63
CA GLN A 5 -7.51 -1.61 8.77
C GLN A 5 -6.92 -1.15 10.10
N HIS A 6 -6.50 0.13 10.10
CA HIS A 6 -5.94 0.86 11.26
C HIS A 6 -4.49 0.47 11.52
N THR A 7 -3.96 -0.35 10.68
CA THR A 7 -2.59 -0.73 10.77
C THR A 7 -1.81 0.07 9.73
N CYS A 8 -0.90 0.88 10.17
CA CYS A 8 -0.10 1.63 9.25
C CYS A 8 1.22 0.92 9.04
N LEU A 9 1.46 0.54 7.82
CA LEU A 9 2.64 -0.18 7.48
C LEU A 9 3.61 0.75 6.72
N PRO A 10 4.92 0.44 6.72
CA PRO A 10 5.98 1.31 6.16
C PRO A 10 5.83 1.59 4.66
N SER A 11 6.57 2.59 4.22
CA SER A 11 6.60 2.97 2.84
C SER A 11 7.18 1.82 2.01
N GLY A 12 6.45 1.41 1.00
CA GLY A 12 6.87 0.33 0.17
C GLY A 12 5.85 0.04 -0.88
N CYS A 13 5.95 -1.08 -1.51
CA CYS A 13 5.04 -1.45 -2.54
C CYS A 13 4.17 -2.63 -2.13
N ALA A 14 2.90 -2.53 -2.44
CA ALA A 14 1.92 -3.54 -2.12
C ALA A 14 1.24 -3.97 -3.40
N ASP A 15 1.04 -5.24 -3.57
CA ASP A 15 0.46 -5.75 -4.78
C ASP A 15 -1.03 -5.94 -4.63
N PHE A 16 -1.77 -5.11 -5.31
CA PHE A 16 -3.20 -5.20 -5.30
C PHE A 16 -3.67 -5.69 -6.67
N PRO A 17 -4.90 -6.22 -6.75
CA PRO A 17 -5.46 -6.65 -8.01
C PRO A 17 -5.96 -5.47 -8.84
N TRP A 18 -6.35 -5.74 -10.07
CA TRP A 18 -6.92 -4.73 -10.95
C TRP A 18 -8.22 -4.20 -10.33
N PRO A 19 -8.56 -2.91 -10.50
CA PRO A 19 -7.75 -1.90 -11.23
C PRO A 19 -6.84 -1.10 -10.32
N VAL A 20 -6.56 -1.63 -9.16
CA VAL A 20 -5.71 -0.93 -8.21
C VAL A 20 -4.27 -1.11 -8.63
N GLY A 21 -3.88 -2.35 -8.86
CA GLY A 21 -2.56 -2.65 -9.35
C GLY A 21 -1.52 -2.68 -8.26
N HIS A 22 -0.28 -2.66 -8.65
CA HIS A 22 0.80 -2.70 -7.73
C HIS A 22 1.06 -1.28 -7.26
N GLN A 23 0.69 -1.03 -6.06
CA GLN A 23 0.76 0.27 -5.46
C GLN A 23 2.05 0.46 -4.71
N CYS A 24 2.59 1.61 -4.82
CA CYS A 24 3.80 1.96 -4.11
C CYS A 24 3.55 3.20 -3.34
N PHE A 25 3.69 3.10 -2.05
CA PHE A 25 3.40 4.19 -1.19
C PHE A 25 4.66 4.68 -0.49
N PRO A 26 5.26 5.76 -0.99
CA PRO A 26 6.47 6.35 -0.41
C PRO A 26 6.23 7.01 0.97
N ASP A 27 4.98 7.08 1.38
CA ASP A 27 4.60 7.64 2.68
C ASP A 27 4.10 6.54 3.62
N GLY A 1 4.20 5.19 3.24
CA GLY A 1 3.51 4.20 4.01
C GLY A 1 2.05 4.13 3.67
N PHE A 2 1.40 3.20 4.25
CA PHE A 2 0.03 2.95 3.96
C PHE A 2 -0.73 2.74 5.25
N CYS A 3 -1.80 3.42 5.38
CA CYS A 3 -2.58 3.32 6.57
C CYS A 3 -3.77 2.44 6.36
N TRP A 4 -4.00 1.61 7.32
CA TRP A 4 -5.09 0.71 7.32
C TRP A 4 -5.69 0.70 8.70
N GLN A 5 -6.88 1.28 8.81
CA GLN A 5 -7.66 1.36 10.05
C GLN A 5 -6.90 2.17 11.11
N HIS A 6 -6.30 3.26 10.63
CA HIS A 6 -5.50 4.25 11.41
C HIS A 6 -4.12 3.72 11.77
N THR A 7 -3.83 2.51 11.38
CA THR A 7 -2.55 1.93 11.59
C THR A 7 -1.75 2.06 10.31
N CYS A 8 -0.68 2.79 10.36
CA CYS A 8 0.11 3.00 9.19
C CYS A 8 1.30 2.07 9.14
N LEU A 9 1.38 1.34 8.07
CA LEU A 9 2.41 0.39 7.84
C LEU A 9 3.53 1.07 7.01
N PRO A 10 4.75 0.50 6.95
CA PRO A 10 5.92 1.14 6.31
C PRO A 10 5.78 1.42 4.81
N SER A 11 6.60 2.34 4.35
CA SER A 11 6.65 2.76 2.99
C SER A 11 7.17 1.63 2.06
N GLY A 12 6.65 1.58 0.87
CA GLY A 12 7.06 0.59 -0.08
C GLY A 12 5.95 0.28 -1.04
N CYS A 13 6.12 -0.73 -1.84
CA CYS A 13 5.11 -1.11 -2.80
C CYS A 13 4.50 -2.45 -2.44
N ALA A 14 3.30 -2.68 -2.92
CA ALA A 14 2.60 -3.93 -2.70
C ALA A 14 1.78 -4.28 -3.91
N ASP A 15 1.87 -5.51 -4.34
CA ASP A 15 1.14 -6.00 -5.49
C ASP A 15 -0.25 -6.45 -5.06
N PHE A 16 -1.22 -5.63 -5.35
CA PHE A 16 -2.60 -5.92 -5.02
C PHE A 16 -3.28 -6.52 -6.23
N PRO A 17 -4.38 -7.25 -6.05
CA PRO A 17 -5.10 -7.82 -7.15
C PRO A 17 -5.85 -6.77 -7.97
N TRP A 18 -6.39 -7.20 -9.09
CA TRP A 18 -7.17 -6.37 -9.99
C TRP A 18 -8.35 -5.74 -9.24
N PRO A 19 -8.73 -4.48 -9.56
CA PRO A 19 -8.01 -3.60 -10.52
C PRO A 19 -7.03 -2.65 -9.83
N VAL A 20 -6.68 -2.96 -8.60
CA VAL A 20 -5.83 -2.11 -7.80
C VAL A 20 -4.39 -2.16 -8.32
N GLY A 21 -3.88 -3.34 -8.54
CA GLY A 21 -2.56 -3.50 -9.09
C GLY A 21 -1.46 -3.25 -8.07
N HIS A 22 -0.23 -3.15 -8.53
CA HIS A 22 0.88 -2.90 -7.65
C HIS A 22 0.96 -1.42 -7.28
N GLN A 23 0.57 -1.14 -6.09
CA GLN A 23 0.54 0.19 -5.58
C GLN A 23 1.81 0.48 -4.83
N CYS A 24 2.22 1.71 -4.85
CA CYS A 24 3.40 2.13 -4.14
C CYS A 24 3.05 3.22 -3.19
N PHE A 25 3.41 3.00 -1.96
CA PHE A 25 3.12 3.94 -0.92
C PHE A 25 4.44 4.40 -0.33
N PRO A 26 5.04 5.45 -0.91
CA PRO A 26 6.36 5.93 -0.49
C PRO A 26 6.35 6.56 0.91
N ASP A 27 5.18 6.80 1.43
CA ASP A 27 5.05 7.39 2.76
C ASP A 27 4.42 6.39 3.72
N GLY A 1 4.04 5.37 3.24
CA GLY A 1 3.58 4.33 4.09
C GLY A 1 2.20 3.96 3.72
N PHE A 2 1.74 2.92 4.28
CA PHE A 2 0.46 2.40 3.95
C PHE A 2 -0.36 2.20 5.20
N CYS A 3 -1.52 2.77 5.21
CA CYS A 3 -2.40 2.62 6.33
C CYS A 3 -3.44 1.59 6.04
N TRP A 4 -3.68 0.77 7.00
CA TRP A 4 -4.59 -0.29 6.90
C TRP A 4 -5.14 -0.57 8.28
N GLN A 5 -6.47 -0.54 8.40
CA GLN A 5 -7.18 -0.80 9.65
C GLN A 5 -6.82 0.26 10.69
N HIS A 6 -6.55 1.48 10.20
CA HIS A 6 -6.16 2.67 11.01
C HIS A 6 -4.72 2.57 11.48
N THR A 7 -4.05 1.52 11.12
CA THR A 7 -2.70 1.32 11.50
C THR A 7 -1.83 1.68 10.30
N CYS A 8 -0.89 2.53 10.49
CA CYS A 8 -0.05 2.94 9.41
C CYS A 8 1.29 2.28 9.47
N LEU A 9 1.59 1.52 8.46
CA LEU A 9 2.80 0.76 8.37
C LEU A 9 3.74 1.49 7.38
N PRO A 10 5.06 1.16 7.38
CA PRO A 10 6.07 1.86 6.55
C PRO A 10 5.84 1.80 5.03
N SER A 11 6.62 2.60 4.33
CA SER A 11 6.61 2.69 2.90
C SER A 11 6.91 1.35 2.24
N GLY A 12 6.23 1.06 1.16
CA GLY A 12 6.42 -0.17 0.47
C GLY A 12 5.56 -0.22 -0.74
N CYS A 13 5.85 -1.12 -1.61
CA CYS A 13 5.10 -1.29 -2.82
C CYS A 13 4.37 -2.63 -2.76
N ALA A 14 3.25 -2.75 -3.44
CA ALA A 14 2.49 -3.98 -3.48
C ALA A 14 1.77 -4.09 -4.81
N ASP A 15 1.75 -5.28 -5.35
CA ASP A 15 1.09 -5.53 -6.61
C ASP A 15 -0.34 -5.92 -6.36
N PHE A 16 -1.24 -5.06 -6.72
CA PHE A 16 -2.65 -5.33 -6.56
C PHE A 16 -3.25 -5.66 -7.93
N PRO A 17 -4.41 -6.32 -7.96
CA PRO A 17 -5.07 -6.68 -9.21
C PRO A 17 -5.67 -5.46 -9.92
N TRP A 18 -6.13 -5.65 -11.14
CA TRP A 18 -6.73 -4.60 -11.94
C TRP A 18 -8.01 -4.10 -11.26
N PRO A 19 -8.34 -2.80 -11.37
CA PRO A 19 -7.52 -1.76 -12.03
C PRO A 19 -6.55 -1.07 -11.09
N VAL A 20 -6.43 -1.59 -9.88
CA VAL A 20 -5.61 -0.99 -8.84
C VAL A 20 -4.14 -1.04 -9.26
N GLY A 21 -3.71 -2.22 -9.66
CA GLY A 21 -2.37 -2.39 -10.18
C GLY A 21 -1.29 -2.30 -9.12
N HIS A 22 -0.11 -1.99 -9.56
CA HIS A 22 1.02 -1.88 -8.68
C HIS A 22 1.02 -0.56 -7.97
N GLN A 23 0.60 -0.60 -6.76
CA GLN A 23 0.60 0.53 -5.92
C GLN A 23 1.85 0.57 -5.10
N CYS A 24 2.32 1.71 -4.85
CA CYS A 24 3.42 1.86 -3.99
C CYS A 24 3.18 3.06 -3.16
N PHE A 25 3.42 2.90 -1.90
CA PHE A 25 3.13 3.92 -0.97
C PHE A 25 4.42 4.40 -0.34
N PRO A 26 5.02 5.46 -0.91
CA PRO A 26 6.30 6.00 -0.44
C PRO A 26 6.22 6.62 0.95
N ASP A 27 5.01 6.94 1.37
CA ASP A 27 4.78 7.56 2.68
C ASP A 27 4.46 6.50 3.71
N GLY A 1 4.06 5.20 3.14
CA GLY A 1 3.34 4.18 3.86
C GLY A 1 1.86 4.28 3.65
N PHE A 2 1.14 3.33 4.16
CA PHE A 2 -0.29 3.24 3.97
C PHE A 2 -0.97 2.53 5.12
N CYS A 3 -1.99 3.13 5.63
CA CYS A 3 -2.77 2.55 6.70
C CYS A 3 -4.05 1.95 6.17
N TRP A 4 -4.37 0.80 6.66
CA TRP A 4 -5.52 0.03 6.31
C TRP A 4 -5.95 -0.78 7.51
N GLN A 5 -7.18 -0.54 7.97
CA GLN A 5 -7.77 -1.20 9.15
C GLN A 5 -6.95 -0.87 10.39
N HIS A 6 -6.43 0.36 10.40
CA HIS A 6 -5.59 0.94 11.47
C HIS A 6 -4.18 0.37 11.46
N THR A 7 -3.93 -0.53 10.54
CA THR A 7 -2.63 -1.09 10.41
C THR A 7 -1.87 -0.23 9.40
N CYS A 8 -0.84 0.39 9.85
CA CYS A 8 -0.05 1.20 8.97
C CYS A 8 1.14 0.43 8.51
N LEU A 9 1.22 0.24 7.23
CA LEU A 9 2.33 -0.46 6.66
C LEU A 9 3.36 0.57 6.19
N PRO A 10 4.63 0.20 6.18
CA PRO A 10 5.74 1.11 5.88
C PRO A 10 5.82 1.52 4.41
N SER A 11 6.67 2.49 4.15
CA SER A 11 6.92 2.95 2.82
C SER A 11 7.48 1.82 1.95
N GLY A 12 6.97 1.69 0.76
CA GLY A 12 7.38 0.63 -0.12
C GLY A 12 6.28 0.30 -1.07
N CYS A 13 6.19 -0.93 -1.48
CA CYS A 13 5.16 -1.32 -2.42
C CYS A 13 4.36 -2.51 -1.89
N ALA A 14 3.07 -2.48 -2.11
CA ALA A 14 2.18 -3.51 -1.68
C ALA A 14 1.42 -4.01 -2.89
N ASP A 15 1.33 -5.30 -3.01
CA ASP A 15 0.73 -5.91 -4.16
C ASP A 15 -0.73 -6.25 -3.90
N PHE A 16 -1.60 -5.40 -4.38
CA PHE A 16 -3.02 -5.60 -4.20
C PHE A 16 -3.58 -6.32 -5.43
N PRO A 17 -4.80 -6.87 -5.33
CA PRO A 17 -5.43 -7.51 -6.46
C PRO A 17 -6.01 -6.49 -7.45
N TRP A 18 -6.43 -6.97 -8.59
CA TRP A 18 -7.04 -6.13 -9.61
C TRP A 18 -8.35 -5.52 -9.06
N PRO A 19 -8.69 -4.26 -9.43
CA PRO A 19 -7.86 -3.38 -10.29
C PRO A 19 -7.00 -2.41 -9.48
N VAL A 20 -6.87 -2.67 -8.20
CA VAL A 20 -6.08 -1.81 -7.34
C VAL A 20 -4.61 -1.97 -7.72
N GLY A 21 -4.21 -3.20 -7.87
CA GLY A 21 -2.90 -3.50 -8.38
C GLY A 21 -1.77 -3.26 -7.41
N HIS A 22 -0.60 -3.18 -7.94
CA HIS A 22 0.59 -3.03 -7.17
C HIS A 22 0.79 -1.57 -6.86
N GLN A 23 0.50 -1.22 -5.67
CA GLN A 23 0.58 0.12 -5.20
C GLN A 23 1.90 0.38 -4.52
N CYS A 24 2.38 1.57 -4.65
CA CYS A 24 3.59 1.97 -4.00
C CYS A 24 3.33 3.18 -3.17
N PHE A 25 3.68 3.06 -1.93
CA PHE A 25 3.41 4.05 -0.97
C PHE A 25 4.70 4.64 -0.45
N PRO A 26 5.09 5.80 -0.95
CA PRO A 26 6.34 6.47 -0.54
C PRO A 26 6.35 6.85 0.94
N ASP A 27 5.17 7.01 1.52
CA ASP A 27 5.05 7.39 2.90
C ASP A 27 4.27 6.37 3.71
N GLY A 1 4.07 5.45 3.21
CA GLY A 1 3.43 4.47 4.07
C GLY A 1 1.98 4.29 3.74
N PHE A 2 1.38 3.29 4.30
CA PHE A 2 0.02 2.95 4.02
C PHE A 2 -0.64 2.28 5.19
N CYS A 3 -1.75 2.81 5.60
CA CYS A 3 -2.51 2.21 6.67
C CYS A 3 -3.67 1.45 6.10
N TRP A 4 -3.90 0.31 6.64
CA TRP A 4 -4.91 -0.57 6.21
C TRP A 4 -5.50 -1.27 7.42
N GLN A 5 -6.79 -1.02 7.66
CA GLN A 5 -7.56 -1.60 8.76
C GLN A 5 -6.95 -1.17 10.11
N HIS A 6 -6.44 0.07 10.12
CA HIS A 6 -5.79 0.74 11.27
C HIS A 6 -4.38 0.26 11.51
N THR A 7 -3.94 -0.65 10.69
CA THR A 7 -2.62 -1.14 10.78
C THR A 7 -1.78 -0.40 9.74
N CYS A 8 -0.81 0.34 10.17
CA CYS A 8 0.00 1.11 9.28
C CYS A 8 1.26 0.36 8.92
N LEU A 9 1.44 0.12 7.65
CA LEU A 9 2.58 -0.58 7.16
C LEU A 9 3.56 0.44 6.51
N PRO A 10 4.85 0.11 6.44
CA PRO A 10 5.91 1.06 6.01
C PRO A 10 5.84 1.47 4.54
N SER A 11 6.52 2.57 4.23
CA SER A 11 6.63 3.09 2.90
C SER A 11 7.26 2.05 1.98
N GLY A 12 6.50 1.61 1.04
CA GLY A 12 6.95 0.61 0.13
C GLY A 12 5.88 0.29 -0.83
N CYS A 13 5.89 -0.88 -1.34
CA CYS A 13 4.93 -1.27 -2.33
C CYS A 13 4.14 -2.47 -1.84
N ALA A 14 2.94 -2.62 -2.35
CA ALA A 14 2.07 -3.71 -1.99
C ALA A 14 1.33 -4.16 -3.21
N ASP A 15 1.04 -5.43 -3.25
CA ASP A 15 0.38 -6.02 -4.38
C ASP A 15 -1.10 -6.08 -4.15
N PHE A 16 -1.83 -5.24 -4.80
CA PHE A 16 -3.26 -5.24 -4.69
C PHE A 16 -3.85 -5.87 -5.92
N PRO A 17 -5.10 -6.33 -5.85
CA PRO A 17 -5.77 -6.92 -6.98
C PRO A 17 -6.26 -5.84 -7.97
N TRP A 18 -6.72 -6.28 -9.11
CA TRP A 18 -7.27 -5.40 -10.13
C TRP A 18 -8.45 -4.61 -9.55
N PRO A 19 -8.62 -3.32 -9.93
CA PRO A 19 -7.71 -2.58 -10.82
C PRO A 19 -6.70 -1.73 -10.05
N VAL A 20 -6.46 -2.07 -8.82
CA VAL A 20 -5.55 -1.30 -7.98
C VAL A 20 -4.11 -1.63 -8.37
N GLY A 21 -3.84 -2.91 -8.48
CA GLY A 21 -2.53 -3.37 -8.92
C GLY A 21 -1.44 -3.19 -7.88
N HIS A 22 -0.22 -3.26 -8.32
CA HIS A 22 0.93 -3.11 -7.45
C HIS A 22 1.17 -1.64 -7.18
N GLN A 23 0.72 -1.22 -6.04
CA GLN A 23 0.81 0.15 -5.61
C GLN A 23 2.03 0.39 -4.78
N CYS A 24 2.60 1.55 -4.92
CA CYS A 24 3.73 1.97 -4.15
C CYS A 24 3.39 3.21 -3.39
N PHE A 25 3.66 3.17 -2.11
CA PHE A 25 3.35 4.24 -1.22
C PHE A 25 4.61 4.67 -0.49
N PRO A 26 5.31 5.67 -1.02
CA PRO A 26 6.57 6.18 -0.42
C PRO A 26 6.34 6.95 0.88
N ASP A 27 5.13 6.98 1.35
CA ASP A 27 4.79 7.68 2.58
C ASP A 27 4.16 6.70 3.59
N GLY A 1 3.95 5.08 3.06
CA GLY A 1 3.22 4.03 3.71
C GLY A 1 1.73 4.19 3.54
N PHE A 2 0.97 3.33 4.15
CA PHE A 2 -0.48 3.32 4.02
C PHE A 2 -1.13 2.57 5.17
N CYS A 3 -2.17 3.14 5.72
CA CYS A 3 -2.88 2.52 6.83
C CYS A 3 -4.15 1.83 6.35
N TRP A 4 -4.34 0.65 6.85
CA TRP A 4 -5.45 -0.18 6.51
C TRP A 4 -5.73 -1.14 7.65
N GLN A 5 -6.97 -1.12 8.12
CA GLN A 5 -7.45 -1.98 9.21
C GLN A 5 -6.70 -1.67 10.51
N HIS A 6 -6.37 -0.38 10.67
CA HIS A 6 -5.63 0.16 11.84
C HIS A 6 -4.14 -0.16 11.79
N THR A 7 -3.72 -0.85 10.77
CA THR A 7 -2.34 -1.19 10.59
C THR A 7 -1.73 -0.22 9.58
N CYS A 8 -0.70 0.47 9.95
CA CYS A 8 -0.03 1.29 9.00
C CYS A 8 1.17 0.55 8.49
N LEU A 9 1.18 0.31 7.21
CA LEU A 9 2.24 -0.42 6.60
C LEU A 9 3.32 0.57 6.15
N PRO A 10 4.57 0.12 6.00
CA PRO A 10 5.70 1.00 5.75
C PRO A 10 5.80 1.49 4.32
N SER A 11 6.69 2.42 4.12
CA SER A 11 6.95 3.00 2.86
C SER A 11 7.60 1.98 1.93
N GLY A 12 6.96 1.76 0.81
CA GLY A 12 7.38 0.78 -0.14
C GLY A 12 6.22 0.42 -1.00
N CYS A 13 6.28 -0.68 -1.67
CA CYS A 13 5.20 -1.09 -2.52
C CYS A 13 4.53 -2.32 -1.96
N ALA A 14 3.23 -2.32 -1.95
CA ALA A 14 2.44 -3.40 -1.42
C ALA A 14 1.59 -3.97 -2.52
N ASP A 15 1.56 -5.27 -2.61
CA ASP A 15 0.85 -5.95 -3.67
C ASP A 15 -0.57 -6.27 -3.27
N PHE A 16 -1.51 -5.50 -3.77
CA PHE A 16 -2.92 -5.69 -3.50
C PHE A 16 -3.56 -6.43 -4.67
N PRO A 17 -4.75 -6.99 -4.49
CA PRO A 17 -5.43 -7.71 -5.55
C PRO A 17 -6.08 -6.75 -6.54
N TRP A 18 -6.56 -7.29 -7.64
CA TRP A 18 -7.26 -6.51 -8.65
C TRP A 18 -8.54 -5.91 -8.04
N PRO A 19 -8.95 -4.69 -8.43
CA PRO A 19 -8.23 -3.81 -9.37
C PRO A 19 -7.31 -2.79 -8.68
N VAL A 20 -6.97 -3.06 -7.44
CA VAL A 20 -6.12 -2.16 -6.69
C VAL A 20 -4.68 -2.32 -7.18
N GLY A 21 -4.28 -3.56 -7.36
CA GLY A 21 -2.99 -3.86 -7.94
C GLY A 21 -1.83 -3.60 -7.01
N HIS A 22 -0.68 -3.47 -7.58
CA HIS A 22 0.54 -3.27 -6.82
C HIS A 22 0.74 -1.79 -6.59
N GLN A 23 0.42 -1.36 -5.42
CA GLN A 23 0.47 0.01 -5.05
C GLN A 23 1.78 0.39 -4.39
N CYS A 24 2.26 1.56 -4.69
CA CYS A 24 3.49 2.06 -4.14
C CYS A 24 3.26 3.25 -3.27
N PHE A 25 3.65 3.12 -2.03
CA PHE A 25 3.42 4.15 -1.07
C PHE A 25 4.74 4.59 -0.48
N PRO A 26 5.32 5.69 -0.97
CA PRO A 26 6.59 6.24 -0.45
C PRO A 26 6.48 6.73 1.01
N ASP A 27 5.27 6.82 1.53
CA ASP A 27 5.04 7.23 2.93
C ASP A 27 4.40 6.10 3.74
N GLY A 1 3.93 5.29 3.14
CA GLY A 1 3.43 4.21 3.91
C GLY A 1 2.01 3.92 3.58
N PHE A 2 1.47 2.95 4.22
CA PHE A 2 0.15 2.48 3.94
C PHE A 2 -0.56 2.16 5.23
N CYS A 3 -1.74 2.65 5.36
CA CYS A 3 -2.50 2.40 6.56
C CYS A 3 -3.53 1.34 6.33
N TRP A 4 -3.62 0.44 7.27
CA TRP A 4 -4.55 -0.62 7.23
C TRP A 4 -5.06 -0.87 8.63
N GLN A 5 -6.38 -0.84 8.80
CA GLN A 5 -7.03 -1.05 10.12
C GLN A 5 -6.54 -0.01 11.14
N HIS A 6 -6.26 1.19 10.64
CA HIS A 6 -5.73 2.34 11.43
C HIS A 6 -4.28 2.13 11.85
N THR A 7 -3.70 1.07 11.39
CA THR A 7 -2.31 0.78 11.63
C THR A 7 -1.53 1.17 10.38
N CYS A 8 -0.64 2.09 10.51
CA CYS A 8 0.10 2.54 9.37
C CYS A 8 1.43 1.85 9.29
N LEU A 9 1.62 1.14 8.23
CA LEU A 9 2.80 0.37 8.00
C LEU A 9 3.72 1.18 7.07
N PRO A 10 5.04 0.91 7.11
CA PRO A 10 6.04 1.71 6.38
C PRO A 10 5.90 1.76 4.85
N SER A 11 6.72 2.59 4.26
CA SER A 11 6.75 2.80 2.85
C SER A 11 7.13 1.52 2.11
N GLY A 12 6.47 1.25 1.02
CA GLY A 12 6.73 0.07 0.28
C GLY A 12 5.79 -0.04 -0.89
N CYS A 13 5.86 -1.12 -1.60
CA CYS A 13 5.00 -1.34 -2.73
C CYS A 13 4.18 -2.60 -2.53
N ALA A 14 2.94 -2.58 -2.93
CA ALA A 14 2.05 -3.69 -2.70
C ALA A 14 1.30 -4.04 -3.97
N ASP A 15 1.01 -5.30 -4.12
CA ASP A 15 0.32 -5.79 -5.29
C ASP A 15 -1.19 -5.89 -5.02
N PHE A 16 -1.93 -5.05 -5.68
CA PHE A 16 -3.38 -5.03 -5.57
C PHE A 16 -4.00 -5.57 -6.87
N PRO A 17 -5.30 -5.93 -6.83
CA PRO A 17 -6.00 -6.43 -8.02
C PRO A 17 -6.31 -5.31 -9.03
N TRP A 18 -6.80 -5.70 -10.18
CA TRP A 18 -7.22 -4.80 -11.23
C TRP A 18 -8.34 -3.89 -10.73
N PRO A 19 -8.38 -2.60 -11.16
CA PRO A 19 -7.36 -1.95 -12.01
C PRO A 19 -6.32 -1.19 -11.17
N VAL A 20 -6.28 -1.49 -9.90
CA VAL A 20 -5.40 -0.83 -8.97
C VAL A 20 -3.94 -1.23 -9.26
N GLY A 21 -3.73 -2.52 -9.40
CA GLY A 21 -2.42 -3.04 -9.76
C GLY A 21 -1.40 -2.88 -8.65
N HIS A 22 -0.16 -2.80 -9.02
CA HIS A 22 0.90 -2.68 -8.06
C HIS A 22 1.03 -1.22 -7.61
N GLN A 23 0.72 -0.99 -6.39
CA GLN A 23 0.77 0.33 -5.78
C GLN A 23 2.09 0.53 -5.07
N CYS A 24 2.52 1.75 -4.99
CA CYS A 24 3.70 2.11 -4.23
C CYS A 24 3.38 3.23 -3.31
N PHE A 25 3.65 3.01 -2.04
CA PHE A 25 3.33 3.95 -1.02
C PHE A 25 4.59 4.47 -0.37
N PRO A 26 5.12 5.58 -0.85
CA PRO A 26 6.37 6.16 -0.33
C PRO A 26 6.20 6.74 1.08
N ASP A 27 4.96 6.97 1.46
CA ASP A 27 4.65 7.54 2.77
C ASP A 27 4.18 6.45 3.70
N GLY A 1 4.00 5.35 3.19
CA GLY A 1 3.47 4.33 4.04
C GLY A 1 2.00 4.17 3.80
N PHE A 2 1.43 3.21 4.42
CA PHE A 2 0.05 2.87 4.18
C PHE A 2 -0.62 2.40 5.45
N CYS A 3 -1.77 2.93 5.72
CA CYS A 3 -2.52 2.55 6.88
C CYS A 3 -3.61 1.59 6.53
N TRP A 4 -3.72 0.55 7.30
CA TRP A 4 -4.71 -0.44 7.12
C TRP A 4 -5.12 -0.96 8.48
N GLN A 5 -6.43 -0.87 8.76
CA GLN A 5 -7.03 -1.37 10.02
C GLN A 5 -6.52 -0.57 11.21
N HIS A 6 -6.29 0.73 10.97
CA HIS A 6 -5.77 1.70 11.96
C HIS A 6 -4.28 1.51 12.20
N THR A 7 -3.70 0.55 11.54
CA THR A 7 -2.31 0.27 11.66
C THR A 7 -1.58 0.85 10.45
N CYS A 8 -0.70 1.77 10.68
CA CYS A 8 0.07 2.33 9.60
C CYS A 8 1.36 1.57 9.44
N LEU A 9 1.54 0.99 8.29
CA LEU A 9 2.68 0.22 7.96
C LEU A 9 3.62 1.09 7.09
N PRO A 10 4.93 0.78 7.05
CA PRO A 10 5.95 1.61 6.38
C PRO A 10 5.80 1.70 4.85
N SER A 11 6.64 2.54 4.28
CA SER A 11 6.70 2.76 2.86
C SER A 11 7.07 1.49 2.10
N GLY A 12 6.53 1.32 0.92
CA GLY A 12 6.84 0.17 0.11
C GLY A 12 5.82 -0.02 -1.00
N CYS A 13 5.99 -1.06 -1.76
CA CYS A 13 5.09 -1.36 -2.86
C CYS A 13 4.35 -2.67 -2.60
N ALA A 14 3.10 -2.72 -2.96
CA ALA A 14 2.28 -3.90 -2.78
C ALA A 14 1.50 -4.17 -4.05
N ASP A 15 1.45 -5.40 -4.46
CA ASP A 15 0.78 -5.78 -5.68
C ASP A 15 -0.67 -6.09 -5.42
N PHE A 16 -1.53 -5.18 -5.78
CA PHE A 16 -2.93 -5.37 -5.61
C PHE A 16 -3.51 -5.91 -6.91
N PRO A 17 -4.69 -6.54 -6.85
CA PRO A 17 -5.37 -7.05 -8.03
C PRO A 17 -5.77 -5.91 -9.01
N TRP A 18 -6.19 -6.29 -10.18
CA TRP A 18 -6.64 -5.34 -11.18
C TRP A 18 -7.98 -4.76 -10.73
N PRO A 19 -8.28 -3.47 -11.03
CA PRO A 19 -7.38 -2.53 -11.73
C PRO A 19 -6.55 -1.67 -10.78
N VAL A 20 -6.48 -2.07 -9.54
CA VAL A 20 -5.74 -1.32 -8.54
C VAL A 20 -4.25 -1.39 -8.87
N GLY A 21 -3.81 -2.59 -9.18
CA GLY A 21 -2.46 -2.78 -9.66
C GLY A 21 -1.41 -2.74 -8.58
N HIS A 22 -0.20 -2.53 -8.99
CA HIS A 22 0.91 -2.52 -8.09
C HIS A 22 1.11 -1.12 -7.57
N GLN A 23 0.66 -0.92 -6.39
CA GLN A 23 0.71 0.36 -5.77
C GLN A 23 1.94 0.54 -4.92
N CYS A 24 2.49 1.70 -4.97
CA CYS A 24 3.65 2.06 -4.19
C CYS A 24 3.32 3.17 -3.26
N PHE A 25 3.58 2.95 -2.01
CA PHE A 25 3.27 3.90 -0.98
C PHE A 25 4.56 4.43 -0.38
N PRO A 26 5.08 5.54 -0.90
CA PRO A 26 6.35 6.13 -0.43
C PRO A 26 6.23 6.73 0.97
N ASP A 27 5.01 6.95 1.39
CA ASP A 27 4.75 7.56 2.68
C ASP A 27 4.30 6.51 3.67
N GLY A 1 4.27 5.27 3.29
CA GLY A 1 3.62 4.31 4.11
C GLY A 1 2.20 4.14 3.71
N PHE A 2 1.54 3.22 4.33
CA PHE A 2 0.20 2.90 3.97
C PHE A 2 -0.60 2.52 5.19
N CYS A 3 -1.70 3.17 5.35
CA CYS A 3 -2.58 2.88 6.43
C CYS A 3 -3.75 2.05 5.94
N TRP A 4 -4.11 1.09 6.71
CA TRP A 4 -5.18 0.20 6.43
C TRP A 4 -5.76 -0.26 7.75
N GLN A 5 -7.08 -0.08 7.90
CA GLN A 5 -7.79 -0.40 9.15
C GLN A 5 -7.16 0.31 10.35
N HIS A 6 -6.76 1.57 10.11
CA HIS A 6 -6.14 2.46 11.12
C HIS A 6 -4.74 2.00 11.51
N THR A 7 -4.26 0.99 10.82
CA THR A 7 -2.94 0.49 11.04
C THR A 7 -2.03 1.04 9.96
N CYS A 8 -1.06 1.82 10.34
CA CYS A 8 -0.17 2.40 9.38
C CYS A 8 1.11 1.62 9.31
N LEU A 9 1.37 1.09 8.15
CA LEU A 9 2.53 0.31 7.90
C LEU A 9 3.55 1.17 7.12
N PRO A 10 4.85 0.79 7.10
CA PRO A 10 5.93 1.58 6.46
C PRO A 10 5.79 1.75 4.94
N SER A 11 6.68 2.54 4.37
CA SER A 11 6.70 2.81 2.96
C SER A 11 7.12 1.57 2.17
N GLY A 12 6.51 1.34 1.03
CA GLY A 12 6.79 0.18 0.26
C GLY A 12 5.83 0.07 -0.87
N CYS A 13 5.96 -0.94 -1.66
CA CYS A 13 5.09 -1.10 -2.79
C CYS A 13 4.50 -2.50 -2.73
N ALA A 14 3.25 -2.66 -3.12
CA ALA A 14 2.59 -3.96 -3.02
C ALA A 14 1.78 -4.25 -4.27
N ASP A 15 1.71 -5.50 -4.63
CA ASP A 15 0.98 -5.95 -5.81
C ASP A 15 -0.46 -6.25 -5.47
N PHE A 16 -1.34 -5.38 -5.88
CA PHE A 16 -2.76 -5.59 -5.70
C PHE A 16 -3.37 -6.09 -7.00
N PRO A 17 -4.57 -6.67 -6.98
CA PRO A 17 -5.22 -7.19 -8.17
C PRO A 17 -5.77 -6.07 -9.07
N TRP A 18 -6.21 -6.44 -10.26
CA TRP A 18 -6.79 -5.50 -11.21
C TRP A 18 -8.09 -4.90 -10.63
N PRO A 19 -8.37 -3.62 -10.90
CA PRO A 19 -7.50 -2.69 -11.67
C PRO A 19 -6.54 -1.90 -10.80
N VAL A 20 -6.48 -2.24 -9.52
CA VAL A 20 -5.67 -1.52 -8.55
C VAL A 20 -4.18 -1.63 -8.92
N GLY A 21 -3.74 -2.85 -9.16
CA GLY A 21 -2.39 -3.09 -9.63
C GLY A 21 -1.34 -2.93 -8.55
N HIS A 22 -0.10 -2.76 -8.97
CA HIS A 22 0.99 -2.62 -8.03
C HIS A 22 1.05 -1.19 -7.57
N GLN A 23 0.55 -0.99 -6.40
CA GLN A 23 0.52 0.30 -5.78
C GLN A 23 1.72 0.49 -4.93
N CYS A 24 2.21 1.67 -4.91
CA CYS A 24 3.33 1.96 -4.07
C CYS A 24 3.01 3.08 -3.18
N PHE A 25 3.42 2.95 -1.95
CA PHE A 25 3.13 3.89 -0.95
C PHE A 25 4.45 4.37 -0.35
N PRO A 26 5.01 5.44 -0.91
CA PRO A 26 6.33 5.98 -0.50
C PRO A 26 6.32 6.64 0.89
N ASP A 27 5.15 6.84 1.43
CA ASP A 27 5.00 7.48 2.72
C ASP A 27 4.44 6.48 3.72
#